data_2I75
#
_entry.id   2I75
#
_cell.length_a   66.075
_cell.length_b   66.075
_cell.length_c   144.508
_cell.angle_alpha   90.00
_cell.angle_beta   90.00
_cell.angle_gamma   90.00
#
_symmetry.space_group_name_H-M   'P 41 21 2'
#
loop_
_entity.id
_entity.type
_entity.pdbx_description
1 polymer 'Tyrosine-protein phosphatase non-receptor type 4'
2 non-polymer 'SULFATE ION'
3 water water
#
_entity_poly.entity_id   1
_entity_poly.type   'polypeptide(L)'
_entity_poly.pdbx_seq_one_letter_code
;SMEEKLENEPDFQYIPEKAPLDSVHQDDHSLRESMIQLAEGLITGTVLTQFDQLYRKKPGMTMSCAKLPQNISKNRYRDI
SPYDATRVILKGNEDYINANYINMEIPSSSIINQYIACQGPLPHTCTDFWQMTWEQGSSMVVMLTTQVERGRVKCHQYWP
EPTGSSSYGCYQVTCHSEEGNTAYIFRKMTLFNQEKNESRPLTQIQYIAWPDHGVPDDSSDFLDFVCHVRNKRAGKEEPV
VVHCSAGIGRTGVLITMETAMCLIECNQPVYPLDIVRTMRDQRAMMIQTPSQYRFVCEAILKVYEEGFVKPLTTSTNKLT
;
_entity_poly.pdbx_strand_id   A
#
# COMPACT_ATOMS: atom_id res chain seq x y z
N SER A 30 24.79 4.52 15.59
CA SER A 30 24.48 4.79 14.16
C SER A 30 22.97 4.52 13.89
N LEU A 31 22.50 3.33 14.28
CA LEU A 31 21.06 3.02 14.30
C LEU A 31 20.51 3.41 15.66
N ARG A 32 21.27 3.10 16.71
CA ARG A 32 20.91 3.49 18.07
C ARG A 32 20.85 5.01 18.19
N GLU A 33 21.64 5.69 17.38
CA GLU A 33 21.65 7.15 17.37
C GLU A 33 20.38 7.69 16.71
N SER A 34 19.96 7.07 15.60
CA SER A 34 18.67 7.38 14.97
C SER A 34 17.45 7.12 15.87
N MET A 35 17.52 6.15 16.79
CA MET A 35 16.39 5.81 17.65
C MET A 35 16.33 6.62 18.95
N ILE A 36 17.45 7.22 19.36
CA ILE A 36 17.46 8.25 20.41
C ILE A 36 16.88 9.58 19.86
N GLN A 37 17.21 9.90 18.61
CA GLN A 37 16.69 11.12 17.98
C GLN A 37 15.18 11.02 17.81
N LEU A 38 14.73 9.84 17.40
CA LEU A 38 13.29 9.56 17.23
C LEU A 38 12.56 9.55 18.59
N ALA A 39 13.15 8.95 19.61
CA ALA A 39 12.54 8.91 20.93
C ALA A 39 12.42 10.31 21.59
N GLU A 40 13.47 11.12 21.48
CA GLU A 40 13.46 12.48 22.02
C GLU A 40 12.61 13.41 21.15
N GLY A 41 12.33 12.95 19.93
CA GLY A 41 11.48 13.67 19.01
C GLY A 41 9.99 13.47 19.25
N LEU A 42 9.61 12.39 19.95
CA LEU A 42 8.22 12.15 20.33
C LEU A 42 7.96 12.76 21.69
N ILE A 43 8.97 12.68 22.56
CA ILE A 43 8.95 13.44 23.78
C ILE A 43 8.98 14.89 23.34
N THR A 44 10.11 15.33 22.77
CA THR A 44 10.28 16.70 22.31
C THR A 44 9.02 17.28 21.66
N GLY A 45 8.29 16.46 20.92
CA GLY A 45 7.19 16.94 20.07
C GLY A 45 7.71 17.37 18.71
N THR A 46 8.96 16.97 18.42
CA THR A 46 9.76 17.57 17.38
C THR A 46 9.48 16.94 16.04
N VAL A 47 9.22 15.63 16.03
CA VAL A 47 9.00 14.88 14.78
C VAL A 47 7.64 15.15 14.09
N LEU A 48 6.62 15.57 14.86
CA LEU A 48 5.33 16.00 14.30
C LEU A 48 5.53 17.35 13.57
N THR A 49 6.21 18.26 14.26
CA THR A 49 6.72 19.51 13.68
C THR A 49 7.50 19.28 12.38
N GLN A 50 8.46 18.36 12.39
CA GLN A 50 9.26 18.11 11.17
C GLN A 50 8.43 17.50 10.06
N PHE A 51 7.49 16.63 10.43
CA PHE A 51 6.56 16.04 9.48
C PHE A 51 5.79 17.11 8.69
N ASP A 52 5.26 18.12 9.38
CA ASP A 52 4.46 19.20 8.75
C ASP A 52 5.23 20.07 7.73
N GLN A 53 6.56 20.01 7.75
CA GLN A 53 7.40 20.75 6.81
C GLN A 53 7.56 20.05 5.45
N LEU A 54 7.66 18.72 5.47
CA LEU A 54 7.93 17.95 4.26
C LEU A 54 6.83 18.23 3.24
N TYR A 55 7.19 18.31 1.97
CA TYR A 55 6.21 18.54 0.93
C TYR A 55 5.29 17.34 0.78
N ARG A 56 4.11 17.56 0.24
CA ARG A 56 3.21 16.45 -0.04
C ARG A 56 3.34 16.01 -1.49
N LYS A 57 3.54 16.97 -2.41
CA LYS A 57 3.76 16.72 -3.83
C LYS A 57 5.14 17.20 -4.21
N LYS A 58 5.96 16.31 -4.76
CA LYS A 58 7.27 16.69 -5.25
C LYS A 58 7.15 17.78 -6.33
N PRO A 59 7.79 18.94 -6.12
CA PRO A 59 7.53 20.07 -6.99
C PRO A 59 7.94 19.79 -8.42
N GLY A 60 7.02 20.04 -9.33
CA GLY A 60 7.28 19.97 -10.76
C GLY A 60 6.94 18.63 -11.36
N MET A 61 6.44 17.70 -10.55
CA MET A 61 5.99 16.42 -11.07
C MET A 61 4.54 16.49 -11.52
N THR A 62 4.35 16.17 -12.79
CA THR A 62 3.06 16.30 -13.46
C THR A 62 2.11 15.25 -12.95
N MET A 63 0.84 15.63 -12.79
CA MET A 63 -0.25 14.70 -12.42
C MET A 63 -1.50 14.94 -13.28
N SER A 64 -1.28 15.20 -14.57
CA SER A 64 -2.32 15.73 -15.46
C SER A 64 -3.04 14.70 -16.37
N CYS A 65 -2.75 13.42 -16.20
CA CYS A 65 -3.54 12.36 -16.83
C CYS A 65 -4.79 12.14 -16.04
N ALA A 66 -4.63 12.05 -14.72
CA ALA A 66 -5.75 11.92 -13.82
C ALA A 66 -6.78 13.01 -14.05
N LYS A 67 -6.41 14.09 -14.74
CA LYS A 67 -7.29 15.23 -14.94
C LYS A 67 -7.81 15.31 -16.37
N LEU A 68 -7.40 14.37 -17.21
CA LEU A 68 -7.92 14.27 -18.56
C LEU A 68 -9.40 13.82 -18.52
N PRO A 69 -10.27 14.46 -19.32
CA PRO A 69 -11.71 14.16 -19.34
C PRO A 69 -12.06 12.68 -19.29
N GLN A 70 -11.29 11.85 -20.00
CA GLN A 70 -11.61 10.43 -20.07
C GLN A 70 -11.28 9.70 -18.78
N ASN A 71 -10.28 10.16 -18.04
CA ASN A 71 -9.75 9.46 -16.86
C ASN A 71 -10.26 9.94 -15.50
N ILE A 72 -10.97 11.07 -15.45
CA ILE A 72 -11.29 11.72 -14.17
C ILE A 72 -12.12 10.83 -13.25
N SER A 73 -13.05 10.10 -13.83
CA SER A 73 -14.00 9.27 -13.08
C SER A 73 -13.46 7.90 -12.67
N LYS A 74 -12.18 7.64 -12.97
CA LYS A 74 -11.49 6.44 -12.50
C LYS A 74 -10.68 6.75 -11.22
N ASN A 75 -10.94 7.93 -10.66
CA ASN A 75 -10.32 8.42 -9.43
C ASN A 75 -11.36 8.56 -8.33
N ARG A 76 -10.99 8.10 -7.16
CA ARG A 76 -11.89 8.04 -6.04
C ARG A 76 -11.99 9.44 -5.44
N TYR A 77 -10.86 10.14 -5.32
CA TYR A 77 -10.91 11.52 -4.85
C TYR A 77 -10.31 12.52 -5.84
N ARG A 78 -10.95 13.67 -5.94
CA ARG A 78 -10.51 14.73 -6.81
C ARG A 78 -9.07 15.17 -6.52
N ASP A 79 -8.58 14.95 -5.30
CA ASP A 79 -7.31 15.55 -4.89
C ASP A 79 -6.21 14.50 -4.60
N ILE A 80 -6.47 13.25 -4.97
CA ILE A 80 -5.48 12.18 -4.92
C ILE A 80 -5.32 11.67 -6.33
N SER A 81 -4.28 12.17 -7.03
CA SER A 81 -3.90 11.75 -8.38
C SER A 81 -2.50 11.10 -8.37
N PRO A 82 -2.22 10.19 -9.33
CA PRO A 82 -0.88 9.64 -9.49
C PRO A 82 0.06 10.55 -10.28
N TYR A 83 1.35 10.53 -9.94
CA TYR A 83 2.33 11.26 -10.73
C TYR A 83 2.31 10.61 -12.10
N ASP A 84 2.15 11.42 -13.12
CA ASP A 84 2.44 10.97 -14.46
C ASP A 84 3.75 10.17 -14.54
N ALA A 85 4.83 10.69 -13.95
CA ALA A 85 6.14 10.11 -14.16
C ALA A 85 6.27 8.66 -13.67
N THR A 86 5.50 8.25 -12.67
CA THR A 86 5.60 6.88 -12.13
C THR A 86 4.29 6.06 -12.13
N ARG A 87 3.28 6.55 -12.82
CA ARG A 87 2.01 5.84 -12.84
C ARG A 87 2.15 4.50 -13.54
N VAL A 88 1.20 3.63 -13.26
CA VAL A 88 1.21 2.30 -13.83
C VAL A 88 0.39 2.40 -15.07
N ILE A 89 0.96 1.94 -16.18
CA ILE A 89 0.30 2.11 -17.48
C ILE A 89 -0.28 0.79 -18.00
N LEU A 90 -1.59 0.80 -18.17
CA LEU A 90 -2.31 -0.37 -18.64
C LEU A 90 -2.07 -0.53 -20.13
N LYS A 91 -2.02 -1.77 -20.59
CA LYS A 91 -1.72 -2.05 -21.99
C LYS A 91 -2.94 -1.79 -22.88
N GLY A 92 -4.02 -1.32 -22.26
CA GLY A 92 -5.31 -1.26 -22.92
C GLY A 92 -5.39 -0.12 -23.93
N ASN A 93 -5.80 1.05 -23.46
CA ASN A 93 -5.81 2.25 -24.28
C ASN A 93 -6.60 2.05 -25.58
N ASP A 95 -5.76 3.34 -20.82
CA ASP A 95 -4.36 3.30 -20.37
C ASP A 95 -4.17 3.56 -18.85
N TYR A 96 -5.21 4.08 -18.19
CA TYR A 96 -5.11 4.74 -16.86
C TYR A 96 -5.67 3.99 -15.64
N ILE A 97 -4.85 3.92 -14.59
CA ILE A 97 -5.31 3.46 -13.29
C ILE A 97 -4.63 4.33 -12.21
N ASN A 98 -5.35 4.56 -11.09
CA ASN A 98 -4.78 5.34 -9.98
C ASN A 98 -3.83 4.44 -9.18
N ALA A 99 -2.57 4.48 -9.57
CA ALA A 99 -1.61 3.49 -9.12
C ALA A 99 -0.22 3.97 -9.53
N ASN A 100 0.73 3.89 -8.61
CA ASN A 100 2.12 4.25 -8.89
C ASN A 100 3.07 3.14 -8.46
N TYR A 101 4.11 2.95 -9.23
CA TYR A 101 5.23 2.17 -8.79
C TYR A 101 5.86 2.92 -7.60
N ILE A 102 6.11 2.21 -6.51
CA ILE A 102 7.00 2.69 -5.45
C ILE A 102 8.09 1.65 -5.18
N ASN A 103 9.35 2.03 -5.36
CA ASN A 103 10.48 1.13 -5.11
C ASN A 103 11.33 1.64 -3.97
N MET A 104 11.57 0.80 -2.97
CA MET A 104 12.28 1.22 -1.77
C MET A 104 13.60 0.47 -1.66
N GLU A 105 14.67 1.21 -1.95
CA GLU A 105 16.03 0.69 -1.91
C GLU A 105 16.51 0.64 -0.47
N ILE A 106 17.27 -0.39 -0.12
CA ILE A 106 17.85 -0.49 1.20
C ILE A 106 19.38 -0.29 1.10
N PRO A 107 19.90 0.78 1.70
CA PRO A 107 21.34 1.02 1.58
C PRO A 107 22.20 -0.16 2.09
N SER A 108 23.33 -0.38 1.43
CA SER A 108 24.26 -1.47 1.75
C SER A 108 23.59 -2.84 1.68
N ILE A 111 18.66 -5.49 -1.96
CA ILE A 111 17.25 -5.36 -1.64
C ILE A 111 16.62 -4.05 -2.12
N ILE A 112 15.85 -4.11 -3.20
CA ILE A 112 15.00 -3.01 -3.61
C ILE A 112 13.57 -3.55 -3.61
N ASN A 113 12.82 -3.19 -2.58
CA ASN A 113 11.46 -3.65 -2.46
C ASN A 113 10.57 -2.87 -3.43
N GLN A 114 9.83 -3.61 -4.24
CA GLN A 114 8.92 -3.02 -5.21
C GLN A 114 7.48 -3.09 -4.69
N TYR A 115 6.72 -2.02 -4.87
CA TYR A 115 5.31 -2.01 -4.55
C TYR A 115 4.57 -1.33 -5.69
N ILE A 116 3.28 -1.59 -5.79
CA ILE A 116 2.37 -0.77 -6.56
C ILE A 116 1.38 -0.25 -5.53
N ALA A 117 1.39 1.07 -5.30
CA ALA A 117 0.51 1.68 -4.33
C ALA A 117 -0.63 2.23 -5.14
N CYS A 118 -1.86 1.92 -4.75
CA CYS A 118 -3.04 2.21 -5.56
C CYS A 118 -4.26 2.40 -4.68
N GLN A 119 -5.29 3.01 -5.24
CA GLN A 119 -6.53 3.20 -4.50
C GLN A 119 -7.27 1.89 -4.54
N GLY A 120 -8.24 1.73 -3.65
CA GLY A 120 -9.15 0.59 -3.71
C GLY A 120 -10.03 0.72 -4.93
N PRO A 121 -10.20 -0.36 -5.70
CA PRO A 121 -11.04 -0.35 -6.88
C PRO A 121 -12.44 0.24 -6.66
N LEU A 122 -12.88 1.04 -7.63
CA LEU A 122 -14.27 1.48 -7.77
C LEU A 122 -15.02 0.37 -8.52
N PRO A 123 -16.36 0.40 -8.50
CA PRO A 123 -17.11 -0.61 -9.27
C PRO A 123 -16.66 -0.77 -10.73
N HIS A 124 -16.38 0.36 -11.37
CA HIS A 124 -16.12 0.38 -12.82
C HIS A 124 -14.63 0.22 -13.18
N THR A 125 -13.74 0.26 -12.19
CA THR A 125 -12.31 0.04 -12.46
C THR A 125 -11.80 -1.27 -11.87
N CYS A 126 -12.69 -2.23 -11.67
CA CYS A 126 -12.27 -3.55 -11.22
C CYS A 126 -11.47 -4.33 -12.26
N THR A 127 -11.88 -4.27 -13.51
CA THR A 127 -11.15 -4.96 -14.60
C THR A 127 -9.75 -4.36 -14.76
N ASP A 128 -9.65 -3.05 -14.58
CA ASP A 128 -8.36 -2.35 -14.56
C ASP A 128 -7.49 -2.82 -13.42
N PHE A 129 -8.10 -3.03 -12.24
CA PHE A 129 -7.33 -3.54 -11.13
C PHE A 129 -6.63 -4.84 -11.51
N TRP A 130 -7.42 -5.82 -11.95
CA TRP A 130 -6.88 -7.14 -12.36
C TRP A 130 -5.98 -7.09 -13.63
N GLN A 131 -6.17 -6.10 -14.49
CA GLN A 131 -5.33 -5.97 -15.68
C GLN A 131 -3.92 -5.57 -15.24
N MET A 132 -3.87 -4.63 -14.29
CA MET A 132 -2.63 -4.17 -13.69
C MET A 132 -1.88 -5.28 -12.99
N THR A 133 -2.59 -6.07 -12.20
CA THR A 133 -1.97 -7.12 -11.39
C THR A 133 -1.36 -8.17 -12.27
N TRP A 134 -2.09 -8.54 -13.32
CA TRP A 134 -1.64 -9.55 -14.26
C TRP A 134 -0.41 -9.10 -15.02
N GLU A 135 -0.54 -7.92 -15.63
CA GLU A 135 0.51 -7.37 -16.48
C GLU A 135 1.81 -7.08 -15.74
N GLN A 136 1.72 -6.62 -14.48
CA GLN A 136 2.92 -6.40 -13.64
C GLN A 136 3.41 -7.67 -12.93
N GLY A 137 2.73 -8.80 -13.12
CA GLY A 137 3.17 -10.07 -12.57
C GLY A 137 3.18 -10.19 -11.06
N SER A 138 2.30 -9.45 -10.40
CA SER A 138 2.14 -9.54 -8.94
C SER A 138 1.48 -10.86 -8.57
N SER A 139 1.85 -11.40 -7.41
CA SER A 139 1.22 -12.60 -6.87
C SER A 139 0.69 -12.37 -5.45
N MET A 140 0.71 -11.11 -5.01
CA MET A 140 0.28 -10.73 -3.65
C MET A 140 -0.44 -9.40 -3.63
N VAL A 141 -1.63 -9.36 -3.06
CA VAL A 141 -2.40 -8.11 -2.99
C VAL A 141 -2.74 -7.78 -1.52
N VAL A 142 -2.14 -6.72 -0.99
CA VAL A 142 -2.33 -6.40 0.43
C VAL A 142 -3.44 -5.38 0.56
N MET A 143 -4.55 -5.72 1.21
CA MET A 143 -5.64 -4.75 1.32
C MET A 143 -5.68 -4.26 2.75
N LEU A 144 -5.59 -2.94 2.95
CA LEU A 144 -5.46 -2.38 4.30
C LEU A 144 -6.74 -1.75 4.86
N THR A 145 -7.89 -2.07 4.29
CA THR A 145 -9.16 -1.46 4.70
C THR A 145 -10.29 -2.49 4.67
N THR A 146 -11.38 -2.21 5.38
CA THR A 146 -12.63 -2.91 5.08
C THR A 146 -13.40 -2.18 3.97
N GLN A 147 -14.43 -2.84 3.47
CA GLN A 147 -15.23 -2.28 2.39
C GLN A 147 -16.06 -1.08 2.84
N VAL A 148 -16.57 -1.12 4.06
CA VAL A 148 -17.45 -0.07 4.56
C VAL A 148 -17.02 0.34 5.97
N GLU A 149 -16.25 1.41 6.03
CA GLU A 149 -15.88 2.06 7.29
C GLU A 149 -16.86 3.19 7.54
N ARG A 150 -17.32 3.31 8.78
CA ARG A 150 -18.51 4.06 9.09
C ARG A 150 -19.61 3.56 8.12
N GLY A 151 -20.29 4.49 7.44
CA GLY A 151 -21.35 4.08 6.51
C GLY A 151 -20.98 4.50 5.12
N ARG A 152 -19.70 4.30 4.77
CA ARG A 152 -19.11 4.74 3.48
C ARG A 152 -18.42 3.59 2.77
N VAL A 153 -18.57 3.53 1.44
CA VAL A 153 -17.85 2.52 0.68
C VAL A 153 -16.41 2.99 0.43
N LYS A 154 -15.47 2.32 1.09
CA LYS A 154 -14.05 2.70 1.03
C LYS A 154 -13.34 1.90 -0.06
N CYS A 155 -13.84 0.69 -0.33
CA CYS A 155 -13.33 -0.18 -1.41
C CYS A 155 -14.43 -1.11 -1.99
N HIS A 156 -14.38 -1.33 -3.30
CA HIS A 156 -15.29 -2.28 -3.97
C HIS A 156 -14.75 -3.70 -3.85
N GLN A 157 -15.66 -4.67 -3.66
CA GLN A 157 -15.28 -6.07 -3.47
C GLN A 157 -14.94 -6.63 -4.81
N TYR A 158 -13.65 -6.66 -5.11
CA TYR A 158 -13.14 -6.95 -6.44
C TYR A 158 -12.72 -8.40 -6.53
N TRP A 159 -13.07 -9.21 -5.53
CA TRP A 159 -12.78 -10.64 -5.53
C TRP A 159 -14.05 -11.43 -5.14
N PRO A 160 -14.14 -12.70 -5.54
CA PRO A 160 -15.31 -13.51 -5.24
C PRO A 160 -15.32 -14.14 -3.84
N GLU A 161 -16.51 -14.38 -3.29
CA GLU A 161 -16.62 -15.10 -2.01
C GLU A 161 -16.01 -16.51 -2.10
N PRO A 162 -15.43 -17.01 -1.01
CA PRO A 162 -14.75 -18.32 -1.05
C PRO A 162 -15.59 -19.48 -1.64
N THR A 163 -14.97 -20.25 -2.52
CA THR A 163 -15.69 -21.28 -3.28
C THR A 163 -16.29 -20.69 -4.56
N GLY A 164 -16.11 -19.39 -4.75
CA GLY A 164 -16.76 -18.69 -5.85
C GLY A 164 -15.77 -18.28 -6.93
N SER A 165 -16.29 -17.84 -8.06
CA SER A 165 -15.51 -17.09 -9.03
C SER A 165 -16.30 -15.91 -9.55
N SER A 166 -15.58 -14.90 -10.01
CA SER A 166 -16.21 -13.80 -10.71
C SER A 166 -15.30 -13.31 -11.82
N SER A 167 -15.95 -12.73 -12.83
CA SER A 167 -15.28 -12.35 -14.06
C SER A 167 -15.17 -10.84 -14.10
N TYR A 168 -13.99 -10.37 -14.44
CA TYR A 168 -13.73 -8.95 -14.69
C TYR A 168 -13.10 -8.85 -16.09
N GLY A 169 -13.96 -8.68 -17.09
CA GLY A 169 -13.49 -8.66 -18.47
C GLY A 169 -12.96 -10.02 -18.88
N CYS A 170 -11.72 -10.06 -19.37
CA CYS A 170 -11.12 -11.31 -19.80
C CYS A 170 -10.43 -12.05 -18.65
N TYR A 171 -10.46 -11.48 -17.44
CA TYR A 171 -9.85 -12.12 -16.28
C TYR A 171 -10.91 -12.75 -15.38
N GLN A 172 -10.62 -13.93 -14.88
CA GLN A 172 -11.54 -14.61 -14.01
C GLN A 172 -10.79 -14.97 -12.73
N VAL A 173 -11.28 -14.47 -11.61
CA VAL A 173 -10.69 -14.75 -10.31
C VAL A 173 -11.57 -15.82 -9.68
N THR A 174 -10.95 -16.80 -9.07
CA THR A 174 -11.66 -17.87 -8.37
C THR A 174 -10.96 -17.99 -7.03
N CYS A 175 -11.72 -18.16 -5.96
CA CYS A 175 -11.16 -18.02 -4.61
C CYS A 175 -11.36 -19.27 -3.77
N HIS A 176 -10.25 -19.85 -3.32
CA HIS A 176 -10.26 -21.18 -2.71
C HIS A 176 -10.41 -21.16 -1.20
N SER A 177 -9.72 -20.25 -0.54
CA SER A 177 -9.61 -20.25 0.91
C SER A 177 -9.91 -18.90 1.49
N GLU A 178 -10.27 -18.88 2.76
CA GLU A 178 -10.46 -17.66 3.51
C GLU A 178 -10.21 -18.03 4.97
N GLU A 179 -9.01 -17.72 5.45
CA GLU A 179 -8.63 -18.06 6.80
C GLU A 179 -8.06 -16.83 7.46
N GLY A 180 -8.43 -16.60 8.71
CA GLY A 180 -7.91 -15.44 9.41
C GLY A 180 -8.55 -15.13 10.73
N ASN A 181 -7.78 -14.49 11.60
CA ASN A 181 -8.24 -14.16 12.93
C ASN A 181 -9.01 -12.84 12.93
N THR A 182 -9.16 -12.24 14.11
CA THR A 182 -9.94 -11.04 14.29
C THR A 182 -9.19 -9.79 13.85
N ALA A 183 -7.95 -9.96 13.40
CA ALA A 183 -7.08 -8.85 12.95
C ALA A 183 -6.75 -8.91 11.44
N TYR A 184 -6.60 -10.09 10.87
CA TYR A 184 -6.33 -10.20 9.43
C TYR A 184 -6.87 -11.48 8.78
N ILE A 185 -6.90 -11.47 7.46
CA ILE A 185 -7.52 -12.50 6.64
C ILE A 185 -6.63 -12.82 5.45
N PHE A 186 -6.34 -14.09 5.22
CA PHE A 186 -5.56 -14.52 4.08
C PHE A 186 -6.47 -15.22 3.10
N ARG A 187 -6.52 -14.75 1.85
CA ARG A 187 -7.30 -15.43 0.82
C ARG A 187 -6.42 -16.02 -0.28
N LYS A 188 -6.52 -17.33 -0.49
CA LYS A 188 -5.82 -18.01 -1.60
C LYS A 188 -6.73 -18.00 -2.83
N MET A 189 -6.25 -17.38 -3.91
CA MET A 189 -6.96 -17.31 -5.18
C MET A 189 -6.15 -17.76 -6.39
N THR A 190 -6.86 -18.06 -7.48
CA THR A 190 -6.31 -18.22 -8.83
C THR A 190 -6.87 -17.06 -9.64
N LEU A 191 -5.99 -16.37 -10.36
CA LEU A 191 -6.37 -15.36 -11.33
C LEU A 191 -6.10 -15.93 -12.71
N PHE A 192 -7.14 -15.99 -13.55
CA PHE A 192 -7.07 -16.67 -14.85
C PHE A 192 -7.29 -15.67 -15.98
N ASN A 193 -6.33 -15.58 -16.91
CA ASN A 193 -6.46 -14.70 -18.10
C ASN A 193 -7.05 -15.52 -19.24
N GLN A 194 -8.22 -15.11 -19.73
CA GLN A 194 -8.96 -15.83 -20.78
C GLN A 194 -8.49 -15.39 -22.17
N GLU A 195 -7.92 -14.19 -22.24
CA GLU A 195 -7.33 -13.67 -23.49
C GLU A 195 -6.00 -14.38 -23.85
N LYS A 196 -5.24 -14.79 -22.84
CA LYS A 196 -3.94 -15.40 -23.05
C LYS A 196 -3.92 -16.84 -22.56
N ASN A 197 -5.10 -17.43 -22.43
CA ASN A 197 -5.23 -18.80 -21.94
C ASN A 197 -4.11 -19.16 -20.97
N GLU A 198 -4.09 -18.48 -19.82
CA GLU A 198 -3.13 -18.81 -18.76
C GLU A 198 -3.65 -18.35 -17.40
N SER A 199 -3.11 -18.94 -16.34
CA SER A 199 -3.58 -18.65 -14.98
C SER A 199 -2.40 -18.58 -14.02
N ARG A 200 -2.39 -17.60 -13.12
CA ARG A 200 -1.36 -17.55 -12.08
C ARG A 200 -2.04 -17.71 -10.73
N PRO A 201 -1.32 -18.25 -9.74
CA PRO A 201 -1.82 -18.24 -8.36
C PRO A 201 -1.62 -16.87 -7.69
N LEU A 202 -2.44 -16.57 -6.68
CA LEU A 202 -2.48 -15.23 -6.07
C LEU A 202 -3.01 -15.21 -4.62
N THR A 203 -2.37 -14.42 -3.76
CA THR A 203 -2.68 -14.36 -2.34
C THR A 203 -3.02 -12.93 -1.91
N GLN A 204 -4.23 -12.76 -1.36
CA GLN A 204 -4.61 -11.48 -0.77
C GLN A 204 -4.62 -11.54 0.76
N ILE A 205 -4.05 -10.52 1.37
CA ILE A 205 -4.02 -10.38 2.82
C ILE A 205 -4.75 -9.09 3.11
N GLN A 206 -5.76 -9.13 3.98
CA GLN A 206 -6.55 -7.96 4.33
C GLN A 206 -6.48 -7.76 5.84
N TYR A 207 -6.08 -6.56 6.25
CA TYR A 207 -6.04 -6.20 7.65
C TYR A 207 -7.39 -5.61 7.99
N ILE A 208 -8.16 -6.29 8.80
CA ILE A 208 -9.55 -5.91 9.02
C ILE A 208 -9.81 -5.19 10.39
N ALA A 209 -8.75 -4.93 11.16
CA ALA A 209 -8.89 -4.34 12.52
C ALA A 209 -8.40 -2.88 12.64
N TRP A 210 -8.42 -2.11 11.56
CA TRP A 210 -8.13 -0.70 11.67
C TRP A 210 -9.34 0.00 12.26
N PRO A 211 -9.14 0.85 13.26
CA PRO A 211 -10.29 1.59 13.77
C PRO A 211 -10.91 2.54 12.73
N ASP A 212 -12.22 2.77 12.86
CA ASP A 212 -12.91 3.77 12.05
C ASP A 212 -12.36 5.17 12.29
N HIS A 213 -11.99 5.44 13.54
CA HIS A 213 -11.40 6.72 13.92
C HIS A 213 -9.92 6.55 14.25
N GLY A 214 -9.07 7.18 13.44
CA GLY A 214 -7.67 7.35 13.77
C GLY A 214 -6.81 6.13 13.48
N VAL A 215 -6.03 5.76 14.48
CA VAL A 215 -4.97 4.76 14.35
C VAL A 215 -5.09 3.78 15.52
N PRO A 216 -4.63 2.53 15.34
CA PRO A 216 -4.71 1.55 16.43
C PRO A 216 -4.02 2.04 17.71
N ASP A 217 -4.55 1.60 18.85
CA ASP A 217 -4.00 1.94 20.16
C ASP A 217 -2.71 1.13 20.41
N ASP A 218 -2.77 -0.16 20.08
CA ASP A 218 -1.60 -1.03 20.18
C ASP A 218 -1.24 -1.49 18.78
N SER A 219 0.01 -1.29 18.42
CA SER A 219 0.51 -1.63 17.12
C SER A 219 0.80 -3.12 16.98
N SER A 220 0.56 -3.90 18.03
CA SER A 220 1.08 -5.25 18.07
C SER A 220 0.42 -6.17 17.05
N ASP A 221 -0.88 -5.99 16.82
CA ASP A 221 -1.59 -6.75 15.79
C ASP A 221 -1.16 -6.33 14.38
N PHE A 222 -0.96 -5.03 14.16
CA PHE A 222 -0.43 -4.54 12.88
C PHE A 222 0.98 -5.04 12.57
N LEU A 223 1.87 -4.99 13.55
CA LEU A 223 3.24 -5.45 13.37
C LEU A 223 3.29 -6.91 12.88
N ASP A 224 2.59 -7.81 13.59
CA ASP A 224 2.44 -9.22 13.18
C ASP A 224 2.02 -9.36 11.72
N PHE A 225 1.01 -8.57 11.31
CA PHE A 225 0.56 -8.53 9.93
C PHE A 225 1.70 -8.18 8.96
N VAL A 226 2.44 -7.10 9.23
CA VAL A 226 3.59 -6.72 8.39
C VAL A 226 4.59 -7.88 8.23
N CYS A 227 4.85 -8.64 9.30
CA CYS A 227 5.74 -9.81 9.17
C CYS A 227 5.22 -10.83 8.16
N HIS A 228 3.93 -11.18 8.26
CA HIS A 228 3.32 -12.10 7.29
C HIS A 228 3.57 -11.60 5.88
N VAL A 229 3.27 -10.32 5.66
CA VAL A 229 3.50 -9.68 4.38
C VAL A 229 4.94 -9.89 3.90
N ARG A 230 5.90 -9.72 4.79
CA ARG A 230 7.27 -10.12 4.45
C ARG A 230 7.70 -11.56 4.22
N ASN A 231 7.12 -12.52 4.94
CA ASN A 231 7.43 -13.93 4.73
C ASN A 231 7.03 -14.38 3.33
N LYS A 232 5.87 -13.91 2.88
CA LYS A 232 5.28 -14.42 1.66
C LYS A 232 5.81 -13.65 0.47
N ARG A 233 6.12 -12.37 0.67
CA ARG A 233 6.89 -11.61 -0.32
C ARG A 233 8.16 -12.39 -0.69
N ALA A 234 8.85 -12.90 0.33
CA ALA A 234 10.02 -13.75 0.17
C ALA A 234 11.11 -13.03 -0.63
N GLY A 235 11.78 -13.76 -1.51
CA GLY A 235 12.74 -13.18 -2.45
C GLY A 235 12.20 -13.16 -3.87
N LYS A 236 10.90 -12.95 -4.00
CA LYS A 236 10.25 -12.73 -5.29
C LYS A 236 10.56 -11.28 -5.73
N GLU A 237 10.67 -11.05 -7.04
CA GLU A 237 11.13 -9.77 -7.59
C GLU A 237 10.04 -9.05 -8.39
N GLU A 238 8.80 -9.14 -7.89
CA GLU A 238 7.65 -8.56 -8.56
C GLU A 238 6.96 -7.62 -7.57
N PRO A 239 6.20 -6.64 -8.10
CA PRO A 239 5.57 -5.68 -7.21
C PRO A 239 4.46 -6.31 -6.38
N VAL A 240 4.47 -6.03 -5.09
CA VAL A 240 3.35 -6.35 -4.23
C VAL A 240 2.39 -5.18 -4.37
N VAL A 241 1.12 -5.48 -4.65
CA VAL A 241 0.10 -4.45 -4.75
C VAL A 241 -0.44 -4.16 -3.36
N VAL A 242 -0.57 -2.87 -3.06
CA VAL A 242 -1.00 -2.47 -1.74
C VAL A 242 -1.93 -1.27 -1.88
N HIS A 243 -3.13 -1.41 -1.35
CA HIS A 243 -4.12 -0.38 -1.43
C HIS A 243 -4.85 -0.25 -0.11
N CYS A 244 -5.39 0.94 0.10
CA CYS A 244 -6.34 1.17 1.18
C CYS A 244 -7.58 1.69 0.46
N SER A 245 -8.06 2.89 0.77
CA SER A 245 -9.19 3.43 0.04
C SER A 245 -8.67 4.42 -1.02
N ALA A 246 -7.86 5.38 -0.57
CA ALA A 246 -7.19 6.36 -1.48
C ALA A 246 -5.80 5.86 -1.80
N GLY A 247 -5.28 4.95 -1.00
CA GLY A 247 -3.95 4.42 -1.29
C GLY A 247 -2.80 5.39 -1.04
N ILE A 248 -2.90 6.13 0.05
CA ILE A 248 -1.85 7.03 0.47
C ILE A 248 -1.60 6.98 2.00
N GLY A 249 -2.67 6.81 2.80
CA GLY A 249 -2.56 6.81 4.25
C GLY A 249 -1.97 5.53 4.80
N ARG A 250 -2.85 4.57 5.11
CA ARG A 250 -2.45 3.24 5.58
C ARG A 250 -1.41 2.59 4.65
N THR A 251 -1.56 2.77 3.34
CA THR A 251 -0.60 2.22 2.41
C THR A 251 0.81 2.76 2.67
N GLY A 252 0.94 4.02 3.10
CA GLY A 252 2.26 4.58 3.37
C GLY A 252 2.83 3.98 4.64
N VAL A 253 1.93 3.62 5.56
CA VAL A 253 2.32 3.10 6.86
C VAL A 253 2.90 1.73 6.71
N LEU A 254 2.27 0.95 5.86
CA LEU A 254 2.67 -0.41 5.61
C LEU A 254 4.07 -0.40 4.97
N ILE A 255 4.27 0.42 3.94
CA ILE A 255 5.56 0.49 3.23
C ILE A 255 6.63 1.09 4.12
N THR A 256 6.26 2.07 4.93
CA THR A 256 7.20 2.64 5.93
C THR A 256 7.62 1.61 6.97
N MET A 257 6.71 0.71 7.34
CA MET A 257 7.06 -0.33 8.32
C MET A 257 7.96 -1.42 7.76
N GLU A 258 7.71 -1.82 6.52
CA GLU A 258 8.49 -2.91 5.95
C GLU A 258 9.89 -2.42 5.60
N THR A 259 9.99 -1.20 5.08
CA THR A 259 11.27 -0.57 4.84
C THR A 259 12.09 -0.49 6.13
N ALA A 260 11.50 0.12 7.15
CA ALA A 260 12.16 0.28 8.47
C ALA A 260 12.65 -1.06 9.01
N MET A 261 11.91 -2.13 8.76
CA MET A 261 12.26 -3.47 9.24
C MET A 261 13.45 -4.11 8.51
N CYS A 262 13.69 -3.77 7.24
CA CYS A 262 14.90 -4.22 6.54
C CYS A 262 16.09 -3.31 6.86
N LEU A 263 15.84 -2.00 6.97
CA LEU A 263 16.88 -1.08 7.38
C LEU A 263 17.53 -1.62 8.66
N ILE A 264 16.70 -2.04 9.62
CA ILE A 264 17.16 -2.60 10.89
C ILE A 264 17.95 -3.90 10.71
N GLU A 265 17.44 -4.80 9.88
CA GLU A 265 18.17 -6.05 9.63
C GLU A 265 19.56 -5.83 9.02
N CYS A 266 19.72 -4.77 8.23
CA CYS A 266 20.99 -4.48 7.57
C CYS A 266 21.91 -3.58 8.41
N ASN A 267 21.41 -3.14 9.57
CA ASN A 267 22.14 -2.24 10.47
C ASN A 267 22.26 -0.84 9.86
N GLN A 268 21.17 -0.36 9.26
CA GLN A 268 21.12 0.97 8.65
C GLN A 268 20.25 1.92 9.49
N PRO A 269 20.65 3.20 9.61
CA PRO A 269 19.86 4.16 10.39
C PRO A 269 18.42 4.19 9.90
N VAL A 270 17.51 4.59 10.80
CA VAL A 270 16.10 4.67 10.49
C VAL A 270 15.59 6.08 10.77
N TYR A 271 15.27 6.79 9.68
CA TYR A 271 14.78 8.15 9.75
C TYR A 271 13.44 8.21 9.03
N PRO A 272 12.35 8.04 9.79
CA PRO A 272 11.02 8.03 9.23
C PRO A 272 10.67 9.20 8.29
N LEU A 273 11.14 10.40 8.60
CA LEU A 273 10.94 11.54 7.70
C LEU A 273 11.49 11.31 6.27
N ASP A 274 12.57 10.54 6.15
CA ASP A 274 13.27 10.31 4.89
C ASP A 274 12.71 9.13 4.07
N ILE A 275 12.12 8.17 4.77
CA ILE A 275 11.39 7.08 4.14
C ILE A 275 10.13 7.61 3.42
N VAL A 276 9.40 8.48 4.10
CA VAL A 276 8.25 9.17 3.51
C VAL A 276 8.67 10.07 2.31
N ARG A 277 9.80 10.77 2.44
CA ARG A 277 10.25 11.61 1.33
C ARG A 277 10.49 10.73 0.10
N THR A 278 11.19 9.61 0.28
CA THR A 278 11.42 8.67 -0.83
C THR A 278 10.10 8.16 -1.44
N MET A 279 9.13 7.84 -0.57
CA MET A 279 7.82 7.41 -1.01
C MET A 279 7.10 8.50 -1.81
N ARG A 280 7.06 9.70 -1.21
CA ARG A 280 6.43 10.86 -1.83
C ARG A 280 7.03 11.35 -3.13
N ASP A 281 8.27 10.95 -3.41
CA ASP A 281 8.88 11.23 -4.71
C ASP A 281 8.26 10.37 -5.79
N GLN A 282 7.51 9.35 -5.38
CA GLN A 282 7.02 8.28 -6.24
C GLN A 282 5.49 8.16 -6.27
N ARG A 283 4.83 8.63 -5.22
CA ARG A 283 3.38 8.85 -5.22
C ARG A 283 3.09 9.99 -4.23
N ALA A 284 2.26 10.96 -4.60
CA ALA A 284 2.08 12.11 -3.73
C ALA A 284 1.38 11.70 -2.43
N MET A 285 1.79 12.33 -1.34
CA MET A 285 1.04 12.35 -0.07
C MET A 285 1.12 11.10 0.79
N MET A 286 2.03 10.19 0.51
CA MET A 286 2.15 8.96 1.32
C MET A 286 2.28 9.29 2.82
N ILE A 287 1.52 8.58 3.64
CA ILE A 287 1.29 8.86 5.05
C ILE A 287 0.57 10.20 5.22
N GLN A 288 -0.75 10.13 5.36
CA GLN A 288 -1.56 11.31 5.23
C GLN A 288 -1.52 12.20 6.46
N THR A 289 -1.86 11.65 7.61
CA THR A 289 -2.11 12.47 8.79
C THR A 289 -0.94 12.39 9.78
N PRO A 290 -0.80 13.43 10.63
CA PRO A 290 0.11 13.39 11.76
C PRO A 290 -0.02 12.10 12.58
N SER A 291 -1.25 11.71 12.88
CA SER A 291 -1.55 10.56 13.72
C SER A 291 -1.04 9.25 13.14
N GLN A 292 -1.13 9.10 11.83
CA GLN A 292 -0.56 7.96 11.15
C GLN A 292 0.96 7.98 11.20
N TYR A 293 1.56 9.16 11.03
CA TYR A 293 3.01 9.33 11.17
C TYR A 293 3.49 9.01 12.59
N ARG A 294 2.80 9.59 13.57
CA ARG A 294 3.07 9.30 14.96
C ARG A 294 2.96 7.78 15.18
N PHE A 295 1.93 7.16 14.62
CA PHE A 295 1.74 5.71 14.70
C PHE A 295 2.96 4.96 14.15
N VAL A 296 3.40 5.33 12.95
CA VAL A 296 4.54 4.67 12.31
C VAL A 296 5.83 4.94 13.08
N CYS A 297 5.99 6.14 13.64
CA CYS A 297 7.19 6.48 14.41
C CYS A 297 7.26 5.74 15.75
N GLU A 298 6.13 5.70 16.45
CA GLU A 298 6.05 4.99 17.72
C GLU A 298 6.11 3.48 17.48
N ALA A 299 5.61 3.05 16.33
CA ALA A 299 5.65 1.63 15.97
C ALA A 299 7.10 1.21 15.80
N ILE A 300 7.86 2.00 15.04
CA ILE A 300 9.25 1.69 14.73
C ILE A 300 10.12 1.63 15.96
N LEU A 301 9.83 2.50 16.91
CA LEU A 301 10.57 2.55 18.17
C LEU A 301 10.23 1.36 19.10
N LYS A 302 8.97 0.92 19.09
CA LYS A 302 8.55 -0.28 19.82
C LYS A 302 9.10 -1.56 19.16
N VAL A 303 9.20 -1.58 17.83
CA VAL A 303 9.83 -2.69 17.10
C VAL A 303 11.33 -2.80 17.37
N TYR A 304 11.98 -1.67 17.62
CA TYR A 304 13.40 -1.65 17.93
C TYR A 304 13.70 -2.09 19.36
N GLU A 305 12.66 -2.30 20.18
CA GLU A 305 12.82 -2.72 21.58
C GLU A 305 12.10 -4.07 21.88
#